data_1MT4
#
_entry.id   1MT4
#
_entity_poly.entity_id   1
_entity_poly.type   'polyribonucleotide'
_entity_poly.pdbx_seq_one_letter_code
;GGCGUAACGUUGAAAAGUUACGCC
;
_entity_poly.pdbx_strand_id   A
#